data_3LM2
#
_entry.id   3LM2
#
_cell.length_a   47.907
_cell.length_b   49.598
_cell.length_c   57.328
_cell.angle_alpha   97.980
_cell.angle_beta   104.640
_cell.angle_gamma   109.970
#
_symmetry.space_group_name_H-M   'P 1'
#
loop_
_entity.id
_entity.type
_entity.pdbx_description
1 polymer 'Putative kinase'
2 non-polymer 1,2-ETHANEDIOL
3 water water
#
_entity_poly.entity_id   1
_entity_poly.type   'polypeptide(L)'
_entity_poly.pdbx_seq_one_letter_code
;G(MSE)AEDQTVLAIDIGGSHVKIGLSTDGEERKVESGKT(MSE)TGPE(MSE)VAAVTA(MSE)AKD(MSE)TYDVIA
(MSE)GYPGPVVHNKPLREPVNLGEGWVGYDYEGAFGRPVRIVNDAL(MSE)QAIGSYNGGR(MSE)LFLGLGTGLGAA
(MSE)IVENVAQP(MSE)EIAHLPYRKGKTYEHYVSEAYREKKGNAKWQKRVQDVVERLSAALEPDEVVIGGGNVERLEN
LPPKCRRGDNA(MSE)AFEGGFRLWKNADLIV
;
_entity_poly.pdbx_strand_id   A,B
#
# COMPACT_ATOMS: atom_id res chain seq x y z
N ALA A 3 25.78 -3.95 2.92
CA ALA A 3 24.53 -4.50 2.37
C ALA A 3 24.76 -5.43 1.17
N GLU A 4 25.56 -4.96 0.21
CA GLU A 4 25.84 -5.72 -1.02
C GLU A 4 26.42 -7.13 -0.79
N ASP A 5 27.13 -7.34 0.34
CA ASP A 5 27.89 -8.58 0.58
C ASP A 5 27.12 -9.73 1.27
N GLN A 6 25.94 -9.44 1.84
CA GLN A 6 25.21 -10.42 2.65
C GLN A 6 24.84 -11.67 1.81
N THR A 7 24.91 -12.84 2.43
CA THR A 7 24.29 -14.03 1.83
C THR A 7 22.82 -14.13 2.26
N VAL A 8 21.95 -14.16 1.26
CA VAL A 8 20.51 -14.08 1.47
C VAL A 8 19.83 -15.43 1.23
N LEU A 9 18.96 -15.80 2.13
CA LEU A 9 18.03 -16.92 1.91
C LEU A 9 16.67 -16.31 1.55
N ALA A 10 16.21 -16.54 0.33
CA ALA A 10 14.93 -15.99 -0.12
C ALA A 10 13.86 -17.08 0.08
N ILE A 11 12.69 -16.66 0.55
CA ILE A 11 11.62 -17.55 0.84
C ILE A 11 10.36 -17.07 0.11
N ASP A 12 9.87 -17.90 -0.78
CA ASP A 12 8.70 -17.62 -1.61
C ASP A 12 7.57 -18.44 -1.03
N ILE A 13 6.65 -17.78 -0.32
CA ILE A 13 5.56 -18.48 0.36
C ILE A 13 4.29 -18.45 -0.47
N GLY A 14 3.74 -19.63 -0.73
CA GLY A 14 2.56 -19.75 -1.52
C GLY A 14 1.65 -20.77 -0.88
N GLY A 15 0.45 -20.85 -1.44
CA GLY A 15 -0.59 -21.72 -0.93
C GLY A 15 -0.30 -23.20 -1.13
N SER A 16 0.60 -23.54 -2.05
CA SER A 16 0.95 -24.93 -2.32
C SER A 16 2.29 -25.40 -1.75
N HIS A 17 3.29 -24.53 -1.88
CA HIS A 17 4.65 -24.77 -1.39
C HIS A 17 5.29 -23.54 -0.79
N VAL A 18 6.22 -23.78 0.12
CA VAL A 18 7.19 -22.78 0.54
C VAL A 18 8.45 -23.17 -0.19
N LYS A 19 8.96 -22.25 -1.01
CA LYS A 19 10.17 -22.50 -1.80
C LYS A 19 11.29 -21.63 -1.28
N ILE A 20 12.49 -22.19 -1.17
CA ILE A 20 13.59 -21.37 -0.71
C ILE A 20 14.80 -21.47 -1.65
N GLY A 21 15.63 -20.44 -1.66
CA GLY A 21 16.87 -20.46 -2.39
C GLY A 21 17.90 -19.48 -1.85
N LEU A 22 19.18 -19.83 -2.02
CA LEU A 22 20.32 -19.04 -1.56
C LEU A 22 20.86 -18.15 -2.65
N SER A 23 21.23 -16.93 -2.28
CA SER A 23 21.82 -16.01 -3.22
C SER A 23 23.14 -16.50 -3.83
N THR A 24 23.83 -17.39 -3.12
CA THR A 24 25.13 -17.93 -3.57
C THR A 24 25.05 -19.00 -4.69
N ASP A 25 23.85 -19.54 -4.96
CA ASP A 25 23.68 -20.51 -6.05
C ASP A 25 22.34 -20.53 -6.79
N GLY A 26 21.30 -19.94 -6.22
CA GLY A 26 19.99 -19.89 -6.86
C GLY A 26 19.22 -21.21 -6.88
N GLU A 27 19.77 -22.26 -6.25
CA GLU A 27 19.13 -23.57 -6.27
C GLU A 27 17.94 -23.59 -5.33
N GLU A 28 16.82 -24.16 -5.82
CA GLU A 28 15.56 -24.17 -5.10
C GLU A 28 15.40 -25.45 -4.24
N ARG A 29 14.86 -25.32 -3.04
CA ARG A 29 14.31 -26.46 -2.31
C ARG A 29 12.88 -26.11 -1.97
N LYS A 30 12.04 -27.09 -1.82
CA LYS A 30 10.68 -26.75 -1.47
C LYS A 30 10.03 -27.78 -0.57
N VAL A 31 9.00 -27.36 0.14
CA VAL A 31 8.18 -28.23 0.96
C VAL A 31 6.73 -27.81 0.81
N GLU A 32 5.80 -28.76 0.96
CA GLU A 32 4.39 -28.42 0.89
C GLU A 32 3.97 -27.44 2.01
N SER A 33 3.06 -26.52 1.68
CA SER A 33 2.43 -25.64 2.67
C SER A 33 0.98 -26.04 2.91
N GLY A 34 0.06 -25.54 2.08
CA GLY A 34 -1.33 -25.92 2.15
C GLY A 34 -2.13 -25.12 3.15
N LYS A 35 -3.42 -25.42 3.20
CA LYS A 35 -4.38 -24.56 3.88
C LYS A 35 -4.23 -24.40 5.39
N THR A 36 -3.44 -25.24 6.06
CA THR A 36 -3.34 -25.15 7.52
C THR A 36 -1.98 -24.64 8.03
N THR A 38 0.78 -22.72 9.54
CA THR A 38 0.90 -21.52 10.34
C THR A 38 2.26 -20.88 10.16
N GLY A 39 2.39 -19.64 10.66
CA GLY A 39 3.64 -18.89 10.64
C GLY A 39 4.80 -19.66 11.27
N PRO A 40 4.60 -20.15 12.51
CA PRO A 40 5.62 -20.95 13.16
C PRO A 40 5.96 -22.22 12.43
N GLU A 41 4.93 -22.89 11.88
CA GLU A 41 5.17 -24.10 11.08
C GLU A 41 5.99 -23.82 9.83
N VAL A 43 8.31 -21.36 9.57
CA VAL A 43 9.68 -21.14 10.05
C VAL A 43 10.41 -22.47 10.33
N ALA A 44 9.76 -23.37 11.05
CA ALA A 44 10.36 -24.66 11.39
C ALA A 44 10.64 -25.47 10.11
N ALA A 45 9.73 -25.42 9.14
CA ALA A 45 9.92 -26.15 7.87
C ALA A 45 11.10 -25.59 7.08
N VAL A 46 11.21 -24.28 7.01
CA VAL A 46 12.34 -23.63 6.31
C VAL A 46 13.67 -23.95 7.01
N THR A 47 13.69 -23.79 8.33
CA THR A 47 14.89 -24.04 9.11
C THR A 47 15.39 -25.47 8.87
N ALA A 48 14.48 -26.43 8.83
CA ALA A 48 14.86 -27.81 8.58
C ALA A 48 15.37 -28.00 7.15
N ALA A 50 16.83 -25.84 5.31
CA ALA A 50 18.06 -25.07 5.17
C ALA A 50 19.16 -25.45 6.17
N LYS A 51 18.99 -26.57 6.88
CA LYS A 51 19.87 -26.92 8.02
C LYS A 51 21.35 -27.08 7.62
N ASP A 52 21.58 -27.40 6.35
CA ASP A 52 22.95 -27.61 5.85
CA ASP A 52 22.90 -27.65 5.77
C ASP A 52 23.41 -26.47 4.94
N THR A 54 24.38 -22.20 4.66
CA THR A 54 24.86 -21.00 5.35
C THR A 54 24.21 -19.73 4.78
N TYR A 55 23.49 -19.00 5.63
CA TYR A 55 22.81 -17.75 5.22
C TYR A 55 22.91 -16.68 6.32
N ASP A 56 23.14 -15.41 5.93
CA ASP A 56 23.23 -14.30 6.87
C ASP A 56 21.87 -13.68 7.19
N VAL A 57 21.04 -13.51 6.16
CA VAL A 57 19.79 -12.76 6.24
C VAL A 57 18.69 -13.48 5.46
N ILE A 58 17.43 -13.13 5.75
CA ILE A 58 16.27 -13.75 5.12
C ILE A 58 15.43 -12.65 4.45
N ALA A 59 14.96 -12.96 3.26
CA ALA A 59 13.97 -12.21 2.53
C ALA A 59 12.76 -13.10 2.30
N GLY A 61 8.76 -13.44 0.81
CA GLY A 61 7.67 -12.98 -0.01
C GLY A 61 6.37 -13.58 0.51
N TYR A 62 5.55 -12.72 1.09
CA TYR A 62 4.37 -13.08 1.87
C TYR A 62 3.11 -12.83 1.08
N PRO A 63 2.16 -13.80 1.07
CA PRO A 63 0.95 -13.73 0.28
C PRO A 63 -0.12 -12.94 1.02
N GLY A 64 0.17 -11.68 1.22
CA GLY A 64 -0.76 -10.76 1.87
C GLY A 64 -0.10 -9.41 1.96
N PRO A 65 -0.84 -8.44 2.48
CA PRO A 65 -0.28 -7.08 2.67
C PRO A 65 0.77 -7.05 3.77
N VAL A 66 1.82 -6.25 3.58
CA VAL A 66 2.92 -6.11 4.52
C VAL A 66 3.23 -4.66 4.65
N VAL A 67 3.49 -4.24 5.87
CA VAL A 67 3.92 -2.87 6.15
C VAL A 67 5.18 -2.94 6.98
N HIS A 68 6.23 -2.24 6.54
CA HIS A 68 7.49 -2.22 7.25
C HIS A 68 7.93 -3.59 7.82
N ASN A 69 7.95 -4.59 6.94
CA ASN A 69 8.34 -5.93 7.28
C ASN A 69 7.38 -6.73 8.22
N LYS A 70 6.16 -6.25 8.40
CA LYS A 70 5.19 -6.86 9.29
C LYS A 70 3.96 -7.23 8.49
N PRO A 71 3.59 -8.53 8.47
CA PRO A 71 2.36 -8.85 7.86
C PRO A 71 1.16 -8.17 8.52
N LEU A 72 0.23 -7.70 7.71
CA LEU A 72 -0.92 -6.92 8.16
C LEU A 72 -2.21 -7.74 8.32
N ARG A 73 -2.29 -8.85 7.57
CA ARG A 73 -3.46 -9.74 7.45
CA ARG A 73 -3.46 -9.75 7.56
C ARG A 73 -2.94 -11.18 7.44
N GLU A 74 -3.67 -12.13 8.01
CA GLU A 74 -3.35 -13.54 7.82
C GLU A 74 -3.51 -13.98 6.34
N PRO A 75 -2.77 -15.00 5.91
CA PRO A 75 -2.90 -15.38 4.51
C PRO A 75 -4.26 -16.01 4.19
N VAL A 76 -4.80 -15.69 3.02
CA VAL A 76 -6.10 -16.23 2.64
C VAL A 76 -6.09 -17.74 2.53
N ASN A 77 -5.01 -18.33 2.02
CA ASN A 77 -5.02 -19.75 1.67
C ASN A 77 -4.03 -20.57 2.51
N LEU A 78 -3.60 -20.03 3.65
CA LEU A 78 -2.78 -20.77 4.61
C LEU A 78 -3.46 -20.70 5.97
N GLY A 79 -2.79 -21.22 6.99
CA GLY A 79 -3.32 -21.15 8.35
C GLY A 79 -3.11 -19.79 9.00
N GLU A 80 -3.29 -19.74 10.31
CA GLU A 80 -3.10 -18.49 11.02
C GLU A 80 -1.76 -18.43 11.71
N GLY A 81 -1.60 -17.46 12.63
CA GLY A 81 -0.35 -17.29 13.36
C GLY A 81 0.75 -16.60 12.63
N TRP A 82 0.42 -15.87 11.57
CA TRP A 82 1.45 -15.16 10.82
C TRP A 82 1.57 -13.71 11.25
N VAL A 83 0.46 -13.09 11.66
CA VAL A 83 0.46 -11.69 12.03
C VAL A 83 0.97 -11.58 13.45
N GLY A 84 1.87 -10.62 13.64
CA GLY A 84 2.44 -10.33 14.95
C GLY A 84 3.54 -11.29 15.39
N TYR A 85 3.94 -12.20 14.51
CA TYR A 85 4.93 -13.21 14.86
C TYR A 85 6.34 -12.64 14.74
N ASP A 86 7.21 -13.04 15.68
CA ASP A 86 8.61 -12.57 15.70
C ASP A 86 9.48 -13.44 14.79
N TYR A 87 9.39 -13.17 13.49
CA TYR A 87 10.19 -13.91 12.51
C TYR A 87 11.69 -13.83 12.75
N GLU A 88 12.18 -12.63 13.08
CA GLU A 88 13.62 -12.44 13.31
CA GLU A 88 13.63 -12.45 13.30
C GLU A 88 14.14 -13.31 14.47
N GLY A 89 13.43 -13.30 15.59
CA GLY A 89 13.79 -14.17 16.70
C GLY A 89 13.65 -15.67 16.36
N ALA A 90 12.57 -16.03 15.65
CA ALA A 90 12.31 -17.43 15.27
C ALA A 90 13.39 -18.01 14.35
N PHE A 91 13.82 -17.21 13.36
CA PHE A 91 14.88 -17.61 12.45
C PHE A 91 16.27 -17.39 13.01
N GLY A 92 16.40 -16.47 13.96
CA GLY A 92 17.72 -16.11 14.51
C GLY A 92 18.58 -15.39 13.49
N ARG A 93 17.94 -14.65 12.59
CA ARG A 93 18.63 -13.89 11.53
C ARG A 93 17.82 -12.60 11.25
N PRO A 94 18.45 -11.54 10.72
CA PRO A 94 17.62 -10.46 10.22
C PRO A 94 16.68 -10.91 9.09
N VAL A 95 15.50 -10.33 9.07
CA VAL A 95 14.46 -10.69 8.14
C VAL A 95 13.84 -9.43 7.53
N ARG A 96 13.77 -9.38 6.21
CA ARG A 96 12.92 -8.44 5.49
C ARG A 96 11.77 -9.22 4.86
N ILE A 97 10.58 -8.61 4.87
CA ILE A 97 9.35 -9.27 4.42
C ILE A 97 8.62 -8.24 3.52
N VAL A 98 8.25 -8.66 2.32
CA VAL A 98 7.41 -7.88 1.44
C VAL A 98 6.31 -8.76 0.88
N ASN A 99 5.25 -8.13 0.37
CA ASN A 99 4.22 -8.85 -0.34
C ASN A 99 4.84 -9.65 -1.53
N ASP A 100 4.27 -10.82 -1.80
CA ASP A 100 4.85 -11.67 -2.79
C ASP A 100 4.96 -11.06 -4.19
N ALA A 101 3.98 -10.29 -4.61
CA ALA A 101 4.04 -9.61 -5.92
C ALA A 101 5.12 -8.53 -5.94
N LEU A 102 5.29 -7.82 -4.84
CA LEU A 102 6.33 -6.83 -4.76
C LEU A 102 7.69 -7.54 -4.91
N GLN A 104 8.44 -10.37 -6.53
CA GLN A 104 8.66 -10.74 -7.92
CA GLN A 104 8.60 -10.73 -7.92
C GLN A 104 8.86 -9.52 -8.82
N ALA A 105 8.17 -8.44 -8.53
CA ALA A 105 8.37 -7.18 -9.25
C ALA A 105 9.82 -6.70 -9.14
N ILE A 106 10.34 -6.69 -7.92
CA ILE A 106 11.70 -6.27 -7.68
C ILE A 106 12.68 -7.12 -8.49
N GLY A 107 12.46 -8.43 -8.52
CA GLY A 107 13.34 -9.30 -9.22
C GLY A 107 13.27 -9.12 -10.74
N SER A 108 12.13 -8.59 -11.24
CA SER A 108 11.89 -8.39 -12.67
C SER A 108 12.40 -7.07 -13.21
N TYR A 109 12.72 -6.17 -12.32
CA TYR A 109 12.96 -4.78 -12.68
C TYR A 109 14.23 -4.58 -13.47
N ASN A 110 14.12 -3.85 -14.59
CA ASN A 110 15.24 -3.50 -15.46
C ASN A 110 15.36 -1.99 -15.68
N GLY A 111 14.75 -1.20 -14.79
CA GLY A 111 14.76 0.26 -14.93
C GLY A 111 13.46 0.87 -15.42
N GLY A 112 13.38 2.20 -15.28
CA GLY A 112 12.27 2.99 -15.75
C GLY A 112 10.99 2.75 -14.93
N ARG A 113 9.84 2.92 -15.57
CA ARG A 113 8.56 2.83 -14.91
C ARG A 113 7.96 1.45 -15.24
N LEU A 115 5.24 -1.63 -14.23
CA LEU A 115 4.07 -2.20 -13.50
C LEU A 115 4.24 -3.70 -13.51
N PHE A 116 4.05 -4.34 -12.37
CA PHE A 116 3.98 -5.81 -12.31
C PHE A 116 2.58 -6.24 -11.96
N LEU A 117 2.06 -7.24 -12.70
CA LEU A 117 0.78 -7.86 -12.45
C LEU A 117 1.03 -9.34 -12.18
N GLY A 118 0.59 -9.81 -11.02
CA GLY A 118 0.84 -11.19 -10.61
C GLY A 118 -0.46 -11.97 -10.71
N LEU A 119 -0.54 -12.89 -11.67
CA LEU A 119 -1.73 -13.71 -11.85
C LEU A 119 -1.53 -15.01 -11.08
N GLY A 120 -1.92 -15.04 -9.82
CA GLY A 120 -1.78 -16.26 -8.98
C GLY A 120 -3.13 -16.69 -8.46
N THR A 121 -3.12 -17.42 -7.34
CA THR A 121 -4.36 -17.73 -6.64
C THR A 121 -5.06 -16.44 -6.27
N GLY A 122 -4.28 -15.44 -5.87
CA GLY A 122 -4.77 -14.08 -5.68
C GLY A 122 -4.16 -13.16 -6.75
N LEU A 123 -4.81 -12.02 -6.99
CA LEU A 123 -4.36 -11.07 -7.97
C LEU A 123 -3.48 -10.07 -7.24
N GLY A 124 -2.23 -9.97 -7.67
CA GLY A 124 -1.26 -9.09 -7.02
C GLY A 124 -0.75 -8.07 -8.01
N ALA A 125 -0.19 -6.97 -7.49
CA ALA A 125 0.41 -5.96 -8.31
C ALA A 125 1.42 -5.17 -7.53
N ALA A 126 2.37 -4.56 -8.25
CA ALA A 126 3.32 -3.66 -7.65
C ALA A 126 3.85 -2.74 -8.75
N ILE A 128 7.23 -0.07 -9.85
CA ILE A 128 8.57 0.46 -9.55
C ILE A 128 8.86 1.62 -10.50
N VAL A 129 9.23 2.77 -9.93
CA VAL A 129 9.53 3.98 -10.68
C VAL A 129 10.86 4.55 -10.20
N GLU A 130 11.79 4.75 -11.13
CA GLU A 130 13.06 5.39 -10.77
CA GLU A 130 13.15 5.25 -10.85
C GLU A 130 13.71 4.64 -9.57
N ASN A 131 13.73 3.29 -9.62
CA ASN A 131 14.21 2.37 -8.57
CA ASN A 131 14.29 2.47 -8.53
C ASN A 131 13.48 2.42 -7.22
N VAL A 132 12.29 3.03 -7.16
CA VAL A 132 11.49 3.09 -5.93
C VAL A 132 10.30 2.14 -6.10
N ALA A 133 10.22 1.12 -5.25
CA ALA A 133 9.27 0.03 -5.42
C ALA A 133 8.13 0.26 -4.48
N GLN A 134 6.89 0.16 -4.95
CA GLN A 134 5.70 0.36 -4.11
CA GLN A 134 5.70 0.35 -4.11
C GLN A 134 4.74 -0.83 -4.30
N PRO A 135 4.29 -1.44 -3.19
CA PRO A 135 3.28 -2.46 -3.30
C PRO A 135 1.93 -1.84 -3.62
N GLU A 137 -2.54 -2.86 -3.67
CA GLU A 137 -3.61 -3.84 -3.41
C GLU A 137 -4.73 -3.50 -4.42
N ILE A 138 -4.90 -4.37 -5.43
CA ILE A 138 -5.96 -4.17 -6.41
C ILE A 138 -7.08 -5.19 -6.38
N ALA A 139 -6.86 -6.27 -5.66
CA ALA A 139 -7.77 -7.42 -5.74
C ALA A 139 -9.19 -6.99 -5.37
N HIS A 140 -9.31 -6.11 -4.38
CA HIS A 140 -10.59 -5.70 -3.80
C HIS A 140 -11.22 -4.49 -4.50
N LEU A 141 -10.50 -3.87 -5.43
CA LEU A 141 -10.98 -2.67 -6.07
C LEU A 141 -12.09 -3.03 -7.07
N PRO A 142 -13.03 -2.11 -7.29
CA PRO A 142 -14.12 -2.38 -8.26
C PRO A 142 -13.61 -2.25 -9.70
N TYR A 143 -13.76 -3.31 -10.48
CA TYR A 143 -13.45 -3.24 -11.90
C TYR A 143 -14.67 -2.65 -12.61
N ARG A 144 -15.85 -3.11 -12.20
CA ARG A 144 -17.10 -2.46 -12.54
C ARG A 144 -18.10 -2.80 -11.43
N LYS A 145 -19.26 -2.15 -11.42
CA LYS A 145 -20.22 -2.40 -10.35
C LYS A 145 -20.55 -3.90 -10.33
N GLY A 146 -20.46 -4.50 -9.15
CA GLY A 146 -20.73 -5.92 -8.96
C GLY A 146 -19.51 -6.82 -9.10
N LYS A 147 -18.35 -6.26 -9.46
CA LYS A 147 -17.22 -7.08 -9.86
C LYS A 147 -15.87 -6.49 -9.48
N THR A 148 -15.18 -7.14 -8.55
CA THR A 148 -13.84 -6.71 -8.16
C THR A 148 -12.84 -7.13 -9.22
N TYR A 149 -11.64 -6.54 -9.22
CA TYR A 149 -10.60 -6.99 -10.15
C TYR A 149 -10.31 -8.48 -10.01
N GLU A 150 -10.19 -8.96 -8.78
CA GLU A 150 -9.81 -10.35 -8.57
C GLU A 150 -10.88 -11.28 -9.18
N HIS A 151 -12.15 -11.01 -8.89
CA HIS A 151 -13.29 -11.76 -9.44
CA HIS A 151 -13.22 -11.83 -9.44
C HIS A 151 -13.28 -11.74 -10.99
N TYR A 152 -12.96 -10.58 -11.55
CA TYR A 152 -12.98 -10.40 -13.00
C TYR A 152 -11.98 -11.35 -13.70
N VAL A 153 -10.78 -11.54 -13.16
CA VAL A 153 -9.77 -12.45 -13.78
C VAL A 153 -9.48 -13.79 -13.04
N SER A 154 -10.45 -14.32 -12.32
CA SER A 154 -10.22 -15.53 -11.52
C SER A 154 -9.96 -16.79 -12.36
N GLU A 155 -9.25 -17.76 -11.77
CA GLU A 155 -9.09 -19.09 -12.36
C GLU A 155 -10.44 -19.77 -12.61
N ALA A 156 -11.42 -19.48 -11.75
CA ALA A 156 -12.78 -20.01 -11.91
C ALA A 156 -13.35 -19.57 -13.25
N TYR A 157 -13.15 -18.30 -13.62
CA TYR A 157 -13.56 -17.80 -14.94
C TYR A 157 -12.77 -18.49 -16.05
N ARG A 158 -11.46 -18.65 -15.88
CA ARG A 158 -10.64 -19.33 -16.88
C ARG A 158 -11.10 -20.76 -17.16
N GLU A 159 -11.30 -21.55 -16.11
CA GLU A 159 -11.74 -22.96 -16.23
C GLU A 159 -13.16 -23.12 -16.80
N LYS A 160 -13.94 -22.05 -16.69
CA LYS A 160 -15.31 -22.02 -17.23
C LYS A 160 -15.33 -21.62 -18.70
N LYS A 161 -14.82 -20.44 -19.01
CA LYS A 161 -14.96 -19.82 -20.33
C LYS A 161 -13.74 -20.01 -21.25
N GLY A 162 -12.62 -20.48 -20.66
CA GLY A 162 -11.43 -20.87 -21.43
C GLY A 162 -10.36 -19.81 -21.48
N ASN A 163 -9.16 -20.22 -21.90
CA ASN A 163 -7.97 -19.38 -21.95
C ASN A 163 -8.16 -18.10 -22.77
N ALA A 164 -8.83 -18.20 -23.92
CA ALA A 164 -8.96 -17.05 -24.81
C ALA A 164 -9.73 -15.89 -24.17
N LYS A 165 -10.90 -16.18 -23.59
CA LYS A 165 -11.73 -15.13 -22.96
C LYS A 165 -11.10 -14.57 -21.69
N TRP A 166 -10.46 -15.43 -20.90
CA TRP A 166 -9.76 -15.00 -19.69
C TRP A 166 -8.59 -14.10 -20.06
N GLN A 167 -7.85 -14.47 -21.10
CA GLN A 167 -6.73 -13.64 -21.55
C GLN A 167 -7.22 -12.24 -21.96
N LYS A 168 -8.35 -12.16 -22.68
CA LYS A 168 -8.96 -10.85 -22.98
C LYS A 168 -9.29 -10.06 -21.69
N ARG A 169 -9.77 -10.74 -20.65
CA ARG A 169 -10.02 -10.03 -19.38
C ARG A 169 -8.71 -9.58 -18.73
N VAL A 170 -7.67 -10.40 -18.82
CA VAL A 170 -6.37 -9.94 -18.30
C VAL A 170 -5.90 -8.72 -19.07
N GLN A 171 -6.02 -8.72 -20.41
CA GLN A 171 -5.68 -7.55 -21.22
C GLN A 171 -6.48 -6.30 -20.81
N ASP A 172 -7.77 -6.48 -20.51
CA ASP A 172 -8.62 -5.37 -20.02
C ASP A 172 -8.05 -4.74 -18.72
N VAL A 173 -7.66 -5.59 -17.79
CA VAL A 173 -7.06 -5.15 -16.54
C VAL A 173 -5.74 -4.41 -16.79
N VAL A 174 -4.86 -4.98 -17.63
CA VAL A 174 -3.62 -4.31 -17.99
C VAL A 174 -3.87 -2.93 -18.59
N GLU A 175 -4.85 -2.80 -19.49
CA GLU A 175 -5.16 -1.51 -20.12
CA GLU A 175 -5.16 -1.51 -20.12
C GLU A 175 -5.64 -0.49 -19.08
N ARG A 176 -6.48 -0.93 -18.17
CA ARG A 176 -7.04 -0.05 -17.14
C ARG A 176 -5.97 0.44 -16.19
N LEU A 177 -5.16 -0.49 -15.68
CA LEU A 177 -4.03 -0.08 -14.82
C LEU A 177 -3.01 0.80 -15.52
N SER A 178 -2.73 0.51 -16.80
CA SER A 178 -1.78 1.33 -17.56
C SER A 178 -2.28 2.74 -17.78
N ALA A 179 -3.58 2.89 -18.04
CA ALA A 179 -4.18 4.21 -18.17
C ALA A 179 -4.08 4.97 -16.85
N ALA A 180 -4.23 4.29 -15.71
CA ALA A 180 -4.14 4.96 -14.45
C ALA A 180 -2.71 5.35 -14.12
N LEU A 181 -1.77 4.44 -14.39
CA LEU A 181 -0.44 4.55 -13.80
C LEU A 181 0.68 4.92 -14.79
N GLU A 182 0.40 4.85 -16.09
CA GLU A 182 1.34 5.20 -17.16
C GLU A 182 2.72 4.53 -17.05
N PRO A 183 2.74 3.20 -16.97
CA PRO A 183 4.04 2.53 -16.94
C PRO A 183 4.73 2.56 -18.33
N ASP A 184 6.04 2.42 -18.37
CA ASP A 184 6.80 2.20 -19.60
C ASP A 184 6.62 0.76 -20.08
N GLU A 185 6.57 -0.19 -19.15
CA GLU A 185 6.32 -1.60 -19.45
C GLU A 185 5.54 -2.29 -18.32
N VAL A 186 4.90 -3.39 -18.69
CA VAL A 186 4.14 -4.19 -17.78
C VAL A 186 4.73 -5.59 -17.80
N VAL A 187 5.09 -6.10 -16.63
CA VAL A 187 5.54 -7.49 -16.51
C VAL A 187 4.41 -8.28 -15.87
N ILE A 188 4.06 -9.40 -16.50
CA ILE A 188 3.01 -10.28 -16.02
C ILE A 188 3.68 -11.53 -15.49
N GLY A 189 3.43 -11.84 -14.25
CA GLY A 189 4.00 -13.03 -13.62
C GLY A 189 2.89 -13.73 -12.90
N GLY A 190 3.25 -14.30 -11.74
CA GLY A 190 2.38 -15.24 -11.03
C GLY A 190 2.43 -16.58 -11.72
N GLY A 191 1.84 -17.60 -11.08
CA GLY A 191 1.84 -18.96 -11.64
C GLY A 191 1.05 -19.13 -12.93
N ASN A 192 0.04 -18.29 -13.11
CA ASN A 192 -0.82 -18.36 -14.31
C ASN A 192 -0.22 -17.72 -15.58
N VAL A 193 0.90 -17.01 -15.47
CA VAL A 193 1.45 -16.34 -16.66
C VAL A 193 1.77 -17.25 -17.87
N GLU A 194 2.06 -18.53 -17.62
CA GLU A 194 2.29 -19.47 -18.72
C GLU A 194 1.00 -19.80 -19.49
N ARG A 195 -0.15 -19.33 -19.01
CA ARG A 195 -1.45 -19.58 -19.63
C ARG A 195 -1.83 -18.56 -20.72
N LEU A 196 -1.05 -17.49 -20.83
CA LEU A 196 -1.32 -16.38 -21.76
C LEU A 196 -0.56 -16.55 -23.06
N GLU A 197 -1.24 -16.30 -24.18
CA GLU A 197 -0.69 -16.64 -25.49
C GLU A 197 0.08 -15.47 -26.10
N ASN A 198 -0.63 -14.38 -26.33
CA ASN A 198 -0.13 -13.27 -27.17
C ASN A 198 -0.29 -11.88 -26.55
N LEU A 199 0.80 -11.42 -25.92
CA LEU A 199 0.81 -10.21 -25.13
C LEU A 199 0.79 -8.92 -25.93
N PRO A 200 0.08 -7.91 -25.43
CA PRO A 200 0.10 -6.63 -26.12
C PRO A 200 1.44 -5.93 -26.05
N PRO A 201 1.63 -4.92 -26.90
CA PRO A 201 2.85 -4.09 -26.81
C PRO A 201 3.10 -3.52 -25.41
N LYS A 202 4.36 -3.43 -25.04
CA LYS A 202 4.83 -2.93 -23.74
C LYS A 202 4.71 -3.98 -22.63
N CYS A 203 4.22 -5.19 -22.95
CA CYS A 203 3.97 -6.25 -21.98
CA CYS A 203 4.05 -6.24 -21.97
C CYS A 203 5.05 -7.36 -22.17
N ARG A 204 5.57 -7.90 -21.07
CA ARG A 204 6.39 -9.10 -21.14
C ARG A 204 6.06 -10.08 -20.03
N ARG A 205 6.36 -11.35 -20.29
CA ARG A 205 6.20 -12.39 -19.30
C ARG A 205 7.33 -12.33 -18.31
N GLY A 206 6.98 -12.37 -17.03
CA GLY A 206 7.95 -12.52 -15.99
C GLY A 206 8.31 -14.00 -15.89
N ASP A 207 9.52 -14.30 -15.48
CA ASP A 207 9.85 -15.67 -15.06
C ASP A 207 9.72 -15.85 -13.56
N ASN A 208 9.24 -17.03 -13.13
CA ASN A 208 9.15 -17.40 -11.70
C ASN A 208 10.45 -17.31 -10.91
N ALA A 209 11.61 -17.56 -11.57
CA ALA A 209 12.92 -17.26 -10.93
C ALA A 209 13.03 -15.83 -10.38
N ALA A 211 11.09 -14.33 -8.35
CA ALA A 211 10.79 -14.24 -6.92
C ALA A 211 12.08 -14.29 -6.06
N PHE A 212 12.92 -15.28 -6.33
CA PHE A 212 14.18 -15.40 -5.55
C PHE A 212 15.07 -14.20 -5.81
N GLU A 213 15.20 -13.83 -7.07
CA GLU A 213 16.03 -12.66 -7.41
C GLU A 213 15.57 -11.42 -6.71
N GLY A 214 14.24 -11.26 -6.54
CA GLY A 214 13.70 -10.10 -5.83
C GLY A 214 14.10 -10.13 -4.38
N GLY A 215 14.06 -11.31 -3.79
CA GLY A 215 14.52 -11.52 -2.41
C GLY A 215 16.00 -11.15 -2.24
N PHE A 216 16.82 -11.57 -3.20
CA PHE A 216 18.27 -11.31 -3.12
C PHE A 216 18.50 -9.79 -3.23
N ARG A 217 17.82 -9.15 -4.20
CA ARG A 217 17.87 -7.71 -4.37
C ARG A 217 17.41 -6.86 -3.18
N LEU A 218 16.41 -7.36 -2.46
CA LEU A 218 15.84 -6.70 -1.29
CA LEU A 218 15.84 -6.71 -1.27
C LEU A 218 16.90 -6.34 -0.26
N TRP A 219 17.94 -7.18 -0.17
CA TRP A 219 19.11 -6.91 0.69
C TRP A 219 20.32 -6.37 -0.06
N LYS A 220 20.60 -6.95 -1.21
CA LYS A 220 21.90 -6.72 -1.85
C LYS A 220 21.91 -5.52 -2.78
N ASN A 221 20.77 -5.13 -3.32
CA ASN A 221 20.81 -3.96 -4.18
CA ASN A 221 20.83 -3.98 -4.18
C ASN A 221 20.46 -2.71 -3.39
N ALA A 222 21.50 -1.86 -3.23
CA ALA A 222 21.50 -0.57 -2.48
C ALA A 222 20.91 0.62 -3.25
N ASP A 223 20.58 0.42 -4.52
CA ASP A 223 19.82 1.43 -5.26
C ASP A 223 18.32 1.24 -4.98
N LEU A 224 17.92 0.11 -4.39
CA LEU A 224 16.46 -0.14 -4.16
C LEU A 224 15.89 0.63 -2.97
N ILE A 225 14.76 1.32 -3.18
CA ILE A 225 14.00 1.94 -2.08
C ILE A 225 12.65 1.21 -1.99
N VAL A 226 12.41 0.53 -0.85
CA VAL A 226 11.21 -0.28 -0.66
C VAL A 226 11.48 -1.78 -0.83
N ASP B 5 13.98 26.44 -0.67
CA ASP B 5 13.11 27.67 -0.68
C ASP B 5 11.88 27.54 -1.59
N GLN B 6 11.46 26.31 -1.91
CA GLN B 6 10.27 26.14 -2.75
C GLN B 6 9.03 26.44 -1.94
N THR B 7 8.08 27.17 -2.56
CA THR B 7 6.79 27.43 -1.94
CA THR B 7 6.79 27.45 -1.95
C THR B 7 5.81 26.36 -2.38
N VAL B 8 5.17 25.75 -1.39
CA VAL B 8 4.31 24.59 -1.62
C VAL B 8 2.89 25.00 -1.31
N LEU B 9 2.00 24.68 -2.22
CA LEU B 9 0.58 24.73 -1.96
C LEU B 9 0.14 23.30 -1.63
N ALA B 10 -0.26 23.09 -0.38
CA ALA B 10 -0.78 21.81 0.08
C ALA B 10 -2.28 21.78 -0.07
N ILE B 11 -2.81 20.71 -0.67
CA ILE B 11 -4.23 20.55 -0.90
C ILE B 11 -4.75 19.34 -0.16
N ASP B 12 -5.68 19.57 0.75
CA ASP B 12 -6.28 18.52 1.55
C ASP B 12 -7.66 18.28 0.98
N ILE B 13 -7.82 17.20 0.22
CA ILE B 13 -9.08 16.89 -0.43
C ILE B 13 -9.92 15.95 0.40
N GLY B 14 -11.11 16.39 0.76
CA GLY B 14 -12.05 15.57 1.50
C GLY B 14 -13.42 15.66 0.88
N GLY B 15 -14.33 14.90 1.46
CA GLY B 15 -15.68 14.78 0.95
C GLY B 15 -16.53 16.03 1.11
N SER B 16 -16.19 16.91 2.05
CA SER B 16 -17.00 18.13 2.31
C SER B 16 -16.34 19.40 1.78
N HIS B 17 -15.03 19.50 1.98
CA HIS B 17 -14.26 20.65 1.53
C HIS B 17 -12.94 20.25 0.89
N VAL B 18 -12.44 21.12 0.04
CA VAL B 18 -11.05 21.11 -0.36
C VAL B 18 -10.41 22.30 0.35
N LYS B 19 -9.36 22.01 1.11
CA LYS B 19 -8.67 23.00 1.89
C LYS B 19 -7.27 23.12 1.37
N ILE B 20 -6.77 24.35 1.33
CA ILE B 20 -5.41 24.56 0.87
C ILE B 20 -4.68 25.37 1.91
N GLY B 21 -3.37 25.17 1.95
CA GLY B 21 -2.50 25.95 2.83
C GLY B 21 -1.21 26.22 2.07
N LEU B 22 -0.64 27.38 2.32
CA LEU B 22 0.54 27.82 1.63
C LEU B 22 1.72 27.80 2.62
N SER B 23 2.81 27.18 2.20
CA SER B 23 3.98 27.01 3.07
C SER B 23 4.59 28.30 3.58
N THR B 24 4.52 29.36 2.77
CA THR B 24 5.30 30.58 3.09
C THR B 24 4.74 31.37 4.25
N ASP B 25 3.42 31.48 4.34
CA ASP B 25 2.81 32.19 5.46
C ASP B 25 1.77 31.38 6.23
N GLY B 26 1.59 30.12 5.85
CA GLY B 26 0.66 29.24 6.57
C GLY B 26 -0.81 29.63 6.46
N GLU B 27 -1.16 30.54 5.54
CA GLU B 27 -2.56 30.90 5.29
C GLU B 27 -3.33 29.67 4.84
N GLU B 28 -4.56 29.55 5.33
CA GLU B 28 -5.44 28.45 5.02
CA GLU B 28 -5.45 28.45 5.00
C GLU B 28 -6.72 28.99 4.35
N ARG B 29 -7.14 28.32 3.27
CA ARG B 29 -8.41 28.62 2.62
C ARG B 29 -9.19 27.35 2.39
N LYS B 30 -10.50 27.48 2.23
CA LYS B 30 -11.30 26.33 1.84
C LYS B 30 -12.49 26.65 0.95
N VAL B 31 -12.94 25.64 0.21
CA VAL B 31 -14.15 25.73 -0.58
C VAL B 31 -14.85 24.37 -0.53
N GLU B 32 -16.17 24.33 -0.77
CA GLU B 32 -16.88 23.06 -0.76
C GLU B 32 -16.48 22.15 -1.93
N SER B 33 -16.45 20.84 -1.65
CA SER B 33 -16.20 19.83 -2.66
C SER B 33 -17.52 19.15 -2.98
N GLY B 34 -17.92 18.21 -2.15
CA GLY B 34 -19.21 17.54 -2.34
C GLY B 34 -19.17 16.26 -3.15
N LYS B 35 -20.30 15.58 -3.17
CA LYS B 35 -20.40 14.19 -3.64
C LYS B 35 -20.16 13.98 -5.14
N THR B 36 -20.20 15.04 -5.97
CA THR B 36 -20.01 14.89 -7.41
C THR B 36 -18.76 15.57 -7.94
N THR B 38 -15.42 16.40 -9.52
CA THR B 38 -14.49 15.66 -10.39
C THR B 38 -13.08 16.18 -10.21
N GLY B 39 -12.11 15.44 -10.73
CA GLY B 39 -10.73 15.89 -10.65
C GLY B 39 -10.52 17.26 -11.29
N PRO B 40 -10.96 17.44 -12.55
CA PRO B 40 -10.84 18.75 -13.21
C PRO B 40 -11.57 19.89 -12.47
N GLU B 41 -12.72 19.56 -11.85
CA GLU B 41 -13.46 20.56 -11.07
C GLU B 41 -12.68 20.96 -9.83
N VAL B 43 -9.36 20.98 -9.62
CA VAL B 43 -8.24 21.81 -10.05
C VAL B 43 -8.69 23.24 -10.32
N ALA B 44 -9.82 23.39 -11.00
CA ALA B 44 -10.37 24.71 -11.29
C ALA B 44 -10.71 25.46 -10.00
N ALA B 45 -11.33 24.76 -9.05
CA ALA B 45 -11.71 25.34 -7.75
C ALA B 45 -10.50 25.82 -6.99
N VAL B 46 -9.45 24.99 -6.95
CA VAL B 46 -8.22 25.34 -6.25
C VAL B 46 -7.51 26.52 -6.93
N THR B 47 -7.38 26.48 -8.27
CA THR B 47 -6.71 27.56 -8.98
C THR B 47 -7.40 28.91 -8.74
N ALA B 48 -8.74 28.92 -8.74
CA ALA B 48 -9.48 30.15 -8.47
C ALA B 48 -9.30 30.59 -7.01
N ALA B 50 -6.83 30.03 -5.05
CA ALA B 50 -5.44 30.40 -4.84
C ALA B 50 -4.94 31.47 -5.82
N LYS B 51 -5.85 32.17 -6.50
CA LYS B 51 -5.51 33.13 -7.56
C LYS B 51 -4.44 34.19 -7.19
N ASP B 52 -4.50 34.70 -5.98
CA ASP B 52 -3.56 35.76 -5.57
C ASP B 52 -2.32 35.26 -4.79
N THR B 54 1.33 32.97 -4.54
CA THR B 54 2.46 32.56 -5.37
C THR B 54 2.95 31.22 -4.83
N TYR B 55 2.86 30.18 -5.66
CA TYR B 55 3.30 28.84 -5.30
C TYR B 55 4.07 28.18 -6.46
N ASP B 56 5.10 27.46 -6.09
CA ASP B 56 5.98 26.82 -7.04
C ASP B 56 5.52 25.41 -7.35
N VAL B 57 5.12 24.69 -6.31
CA VAL B 57 4.76 23.31 -6.42
C VAL B 57 3.49 22.98 -5.61
N ILE B 58 2.91 21.84 -5.90
CA ILE B 58 1.69 21.37 -5.23
C ILE B 58 1.87 19.99 -4.60
N ALA B 59 1.34 19.84 -3.39
CA ALA B 59 1.24 18.53 -2.71
C ALA B 59 -0.24 18.25 -2.52
N GLY B 61 -3.26 15.65 -1.04
CA GLY B 61 -3.67 14.54 -0.20
C GLY B 61 -4.99 14.03 -0.74
N TYR B 62 -4.93 12.88 -1.40
CA TYR B 62 -6.05 12.31 -2.14
C TYR B 62 -6.78 11.27 -1.31
N PRO B 63 -8.13 11.36 -1.25
CA PRO B 63 -8.92 10.42 -0.44
C PRO B 63 -9.15 9.09 -1.16
N GLY B 64 -8.05 8.38 -1.37
CA GLY B 64 -8.05 7.09 -2.06
C GLY B 64 -6.62 6.60 -2.20
N PRO B 65 -6.45 5.39 -2.75
CA PRO B 65 -5.14 4.82 -2.92
C PRO B 65 -4.40 5.52 -4.03
N VAL B 66 -3.10 5.76 -3.83
CA VAL B 66 -2.23 6.39 -4.79
C VAL B 66 -0.96 5.58 -4.96
N VAL B 67 -0.46 5.48 -6.19
CA VAL B 67 0.76 4.75 -6.48
C VAL B 67 1.62 5.69 -7.27
N HIS B 68 2.83 5.94 -6.78
CA HIS B 68 3.79 6.85 -7.48
C HIS B 68 3.11 8.11 -8.07
N ASN B 69 2.44 8.86 -7.20
CA ASN B 69 1.79 10.08 -7.52
C ASN B 69 0.58 9.99 -8.45
N LYS B 70 0.04 8.79 -8.67
CA LYS B 70 -1.12 8.62 -9.50
C LYS B 70 -2.25 7.97 -8.73
N PRO B 71 -3.43 8.60 -8.71
CA PRO B 71 -4.61 7.97 -8.14
C PRO B 71 -4.93 6.63 -8.81
N LEU B 72 -5.18 5.64 -7.96
CA LEU B 72 -5.45 4.29 -8.42
C LEU B 72 -6.94 3.96 -8.55
N ARG B 73 -7.79 4.64 -7.77
CA ARG B 73 -9.22 4.37 -7.65
CA ARG B 73 -9.24 4.39 -7.80
C ARG B 73 -9.90 5.75 -7.68
N GLU B 74 -11.09 5.87 -8.24
CA GLU B 74 -11.89 7.08 -8.05
C GLU B 74 -12.27 7.22 -6.55
N PRO B 75 -12.43 8.46 -6.05
CA PRO B 75 -12.76 8.62 -4.62
C PRO B 75 -14.15 8.11 -4.25
N VAL B 76 -14.26 7.41 -3.13
CA VAL B 76 -15.55 6.88 -2.69
C VAL B 76 -16.60 7.97 -2.46
N ASN B 77 -16.20 9.13 -1.96
CA ASN B 77 -17.15 10.15 -1.55
C ASN B 77 -17.20 11.38 -2.46
N LEU B 78 -16.57 11.31 -3.63
CA LEU B 78 -16.61 12.43 -4.58
C LEU B 78 -16.97 11.89 -5.95
N GLY B 79 -16.87 12.75 -6.96
CA GLY B 79 -17.22 12.34 -8.31
C GLY B 79 -16.12 11.59 -9.03
N GLU B 80 -16.23 11.52 -10.35
CA GLU B 80 -15.27 10.76 -11.14
C GLU B 80 -14.27 11.66 -11.88
N GLY B 81 -13.51 11.10 -12.82
CA GLY B 81 -12.51 11.89 -13.56
C GLY B 81 -11.23 12.21 -12.82
N TRP B 82 -10.95 11.48 -11.75
CA TRP B 82 -9.73 11.70 -10.99
C TRP B 82 -8.58 10.81 -11.46
N VAL B 83 -8.90 9.58 -11.87
CA VAL B 83 -7.90 8.61 -12.29
C VAL B 83 -7.47 8.92 -13.70
N GLY B 84 -6.16 8.96 -13.90
CA GLY B 84 -5.63 9.19 -15.24
C GLY B 84 -5.50 10.66 -15.62
N TYR B 85 -5.89 11.55 -14.74
CA TYR B 85 -5.97 12.97 -15.08
C TYR B 85 -4.58 13.61 -14.93
N ASP B 86 -4.28 14.54 -15.84
CA ASP B 86 -2.96 15.19 -15.86
C ASP B 86 -2.95 16.42 -14.93
N TYR B 87 -2.80 16.15 -13.64
CA TYR B 87 -2.78 17.20 -12.63
C TYR B 87 -1.71 18.23 -12.89
N GLU B 88 -0.51 17.77 -13.26
CA GLU B 88 0.63 18.68 -13.46
CA GLU B 88 0.61 18.70 -13.45
C GLU B 88 0.33 19.69 -14.58
N GLY B 89 -0.16 19.20 -15.71
CA GLY B 89 -0.57 20.06 -16.79
C GLY B 89 -1.72 20.99 -16.44
N ALA B 90 -2.70 20.46 -15.72
CA ALA B 90 -3.90 21.21 -15.35
C ALA B 90 -3.57 22.35 -14.38
N PHE B 91 -2.69 22.07 -13.41
CA PHE B 91 -2.18 23.12 -12.50
C PHE B 91 -1.09 24.02 -13.05
N GLY B 92 -0.36 23.57 -14.05
CA GLY B 92 0.80 24.32 -14.55
C GLY B 92 1.97 24.35 -13.57
N ARG B 93 2.03 23.35 -12.67
CA ARG B 93 3.09 23.28 -11.65
C ARG B 93 3.44 21.80 -11.41
N PRO B 94 4.65 21.52 -10.91
CA PRO B 94 4.90 20.15 -10.46
C PRO B 94 3.97 19.72 -9.33
N VAL B 95 3.54 18.48 -9.34
CA VAL B 95 2.54 17.96 -8.39
C VAL B 95 3.01 16.64 -7.79
N ARG B 96 2.97 16.55 -6.47
CA ARG B 96 3.13 15.23 -5.78
C ARG B 96 1.82 14.91 -5.12
N ILE B 97 1.42 13.64 -5.22
CA ILE B 97 0.14 13.17 -4.72
C ILE B 97 0.39 11.94 -3.85
N VAL B 98 -0.19 11.94 -2.64
CA VAL B 98 -0.19 10.78 -1.75
C VAL B 98 -1.58 10.61 -1.17
N ASN B 99 -1.85 9.42 -0.66
CA ASN B 99 -3.07 9.24 0.08
C ASN B 99 -3.19 10.24 1.24
N ASP B 100 -4.43 10.66 1.54
CA ASP B 100 -4.72 11.65 2.57
C ASP B 100 -4.17 11.31 3.96
N ALA B 101 -4.35 10.06 4.40
CA ALA B 101 -3.84 9.60 5.69
C ALA B 101 -2.29 9.64 5.69
N LEU B 102 -1.67 9.28 4.59
CA LEU B 102 -0.21 9.33 4.47
C LEU B 102 0.31 10.77 4.59
N GLN B 104 -1.14 13.28 6.18
CA GLN B 104 -1.29 13.72 7.57
CA GLN B 104 -1.30 13.72 7.57
C GLN B 104 -0.28 13.03 8.48
N ALA B 105 -0.01 11.74 8.22
CA ALA B 105 1.03 10.99 8.96
C ALA B 105 2.40 11.64 8.81
N ILE B 106 2.75 12.01 7.59
CA ILE B 106 3.99 12.71 7.34
C ILE B 106 4.07 14.02 8.11
N GLY B 107 2.97 14.76 8.19
CA GLY B 107 2.94 16.02 8.89
C GLY B 107 2.98 15.90 10.42
N SER B 108 2.61 14.74 10.94
CA SER B 108 2.53 14.44 12.37
C SER B 108 3.80 13.80 12.92
N TYR B 109 4.69 13.40 12.04
CA TYR B 109 5.82 12.57 12.42
C TYR B 109 6.87 13.33 13.22
N ASN B 110 7.30 12.71 14.31
CA ASN B 110 8.38 13.27 15.15
C ASN B 110 9.49 12.25 15.39
N GLY B 111 9.66 11.26 14.51
CA GLY B 111 10.69 10.23 14.71
C GLY B 111 10.19 8.89 15.19
N GLY B 112 11.03 7.88 15.07
CA GLY B 112 10.72 6.57 15.61
C GLY B 112 9.75 5.82 14.72
N ARG B 113 9.10 4.81 15.29
CA ARG B 113 8.11 4.00 14.60
C ARG B 113 6.74 4.57 14.95
N LEU B 115 2.66 4.86 13.92
CA LEU B 115 1.44 4.47 13.19
C LEU B 115 0.45 5.61 13.25
N PHE B 116 -0.14 5.93 12.10
CA PHE B 116 -1.14 6.99 12.01
C PHE B 116 -2.44 6.36 11.64
N LEU B 117 -3.52 6.74 12.35
CA LEU B 117 -4.87 6.31 12.01
CA LEU B 117 -4.88 6.29 12.05
C LEU B 117 -5.71 7.56 11.79
N GLY B 118 -6.39 7.62 10.64
CA GLY B 118 -7.27 8.74 10.30
C GLY B 118 -8.72 8.30 10.41
N LEU B 119 -9.43 8.91 11.34
CA LEU B 119 -10.83 8.63 11.61
C LEU B 119 -11.68 9.74 11.03
N GLY B 120 -12.34 9.47 9.93
CA GLY B 120 -13.26 10.44 9.36
C GLY B 120 -14.48 9.73 8.86
N THR B 121 -14.92 10.09 7.67
CA THR B 121 -15.99 9.35 7.03
C THR B 121 -15.62 7.88 6.98
N GLY B 122 -14.37 7.62 6.66
CA GLY B 122 -13.82 6.26 6.68
C GLY B 122 -12.54 6.16 7.47
N LEU B 123 -11.82 5.06 7.25
CA LEU B 123 -10.65 4.74 8.04
C LEU B 123 -9.44 4.76 7.15
N GLY B 124 -8.50 5.66 7.43
CA GLY B 124 -7.21 5.66 6.76
C GLY B 124 -6.10 5.28 7.72
N ALA B 125 -4.95 4.90 7.19
CA ALA B 125 -3.79 4.57 8.04
C ALA B 125 -2.51 4.72 7.24
N ALA B 126 -1.41 5.00 7.93
CA ALA B 126 -0.08 5.00 7.37
C ALA B 126 0.92 4.77 8.48
N ILE B 128 5.22 5.21 9.54
CA ILE B 128 6.52 5.77 9.25
C ILE B 128 7.51 5.11 10.22
N VAL B 129 8.60 4.55 9.68
CA VAL B 129 9.69 3.98 10.51
C VAL B 129 11.01 4.57 9.99
N GLU B 130 11.75 5.25 10.86
CA GLU B 130 13.06 5.81 10.50
CA GLU B 130 13.02 5.93 10.57
C GLU B 130 12.95 6.72 9.27
N ASN B 131 11.96 7.62 9.24
CA ASN B 131 11.73 8.53 8.13
C ASN B 131 11.21 7.92 6.84
N VAL B 132 10.96 6.61 6.83
CA VAL B 132 10.43 5.94 5.64
C VAL B 132 8.92 5.79 5.80
N ALA B 133 8.15 6.50 4.99
CA ALA B 133 6.69 6.52 5.10
C ALA B 133 6.05 5.59 4.12
N GLN B 134 5.12 4.77 4.63
CA GLN B 134 4.38 3.82 3.82
C GLN B 134 2.87 3.94 3.99
N PRO B 135 2.12 4.05 2.89
CA PRO B 135 0.68 4.04 3.02
C PRO B 135 0.19 2.63 3.32
N GLU B 137 -3.67 0.27 3.35
CA GLU B 137 -5.10 0.22 3.08
C GLU B 137 -5.68 -0.84 4.03
N ILE B 138 -6.34 -0.38 5.09
CA ILE B 138 -6.89 -1.29 6.11
C ILE B 138 -8.42 -1.35 6.09
N ALA B 139 -9.07 -0.40 5.42
CA ALA B 139 -10.52 -0.31 5.51
C ALA B 139 -11.25 -1.57 5.12
N HIS B 140 -10.75 -2.25 4.08
CA HIS B 140 -11.40 -3.45 3.52
C HIS B 140 -10.99 -4.75 4.22
N LEU B 141 -10.04 -4.68 5.14
CA LEU B 141 -9.49 -5.89 5.75
C LEU B 141 -10.51 -6.45 6.75
N PRO B 142 -10.57 -7.78 6.88
CA PRO B 142 -11.52 -8.33 7.84
C PRO B 142 -11.08 -8.07 9.26
N TYR B 143 -12.06 -7.67 10.08
CA TYR B 143 -11.79 -7.34 11.46
C TYR B 143 -12.43 -8.40 12.34
N ARG B 144 -13.76 -8.52 12.28
CA ARG B 144 -14.46 -9.52 13.11
C ARG B 144 -15.89 -9.73 12.63
N LYS B 145 -16.40 -10.92 12.90
CA LYS B 145 -17.81 -11.26 12.64
C LYS B 145 -18.23 -10.94 11.19
N GLY B 146 -17.35 -11.26 10.24
CA GLY B 146 -17.59 -10.95 8.82
C GLY B 146 -17.61 -9.47 8.45
N LYS B 147 -17.13 -8.60 9.34
CA LYS B 147 -17.16 -7.15 9.11
C LYS B 147 -15.72 -6.67 8.94
N THR B 148 -15.57 -5.57 8.23
CA THR B 148 -14.25 -5.00 7.97
C THR B 148 -13.85 -4.08 9.12
N TYR B 149 -12.58 -3.67 9.14
CA TYR B 149 -12.12 -2.63 10.05
C TYR B 149 -12.96 -1.36 9.96
N GLU B 150 -13.27 -0.91 8.75
CA GLU B 150 -13.90 0.41 8.63
C GLU B 150 -15.34 0.37 9.18
N HIS B 151 -16.02 -0.78 9.02
CA HIS B 151 -17.37 -0.94 9.55
CA HIS B 151 -17.36 -1.00 9.56
C HIS B 151 -17.50 -0.47 10.98
N TYR B 152 -16.53 -0.80 11.85
CA TYR B 152 -16.67 -0.50 13.28
C TYR B 152 -16.23 0.89 13.69
N VAL B 153 -15.52 1.62 12.85
CA VAL B 153 -15.00 2.90 13.30
C VAL B 153 -15.43 4.09 12.42
N SER B 154 -16.31 3.81 11.47
CA SER B 154 -16.74 4.83 10.52
C SER B 154 -17.64 5.85 11.19
N GLU B 155 -17.77 7.02 10.54
CA GLU B 155 -18.70 8.04 11.00
C GLU B 155 -20.13 7.45 11.09
N ALA B 156 -20.50 6.62 10.11
CA ALA B 156 -21.80 5.91 10.14
C ALA B 156 -21.98 5.14 11.46
N TYR B 157 -20.97 4.40 11.85
CA TYR B 157 -21.04 3.62 13.11
C TYR B 157 -21.20 4.55 14.33
N ARG B 158 -20.43 5.63 14.38
CA ARG B 158 -20.53 6.60 15.47
C ARG B 158 -21.93 7.20 15.57
N GLU B 159 -22.49 7.64 14.44
CA GLU B 159 -23.80 8.29 14.46
C GLU B 159 -24.89 7.33 14.93
N LYS B 160 -24.79 6.06 14.55
CA LYS B 160 -25.84 5.07 14.88
C LYS B 160 -25.73 4.55 16.31
N LYS B 161 -24.52 4.13 16.68
CA LYS B 161 -24.25 3.40 17.93
C LYS B 161 -23.89 4.28 19.13
N GLY B 162 -23.53 5.54 18.86
CA GLY B 162 -23.14 6.52 19.90
C GLY B 162 -21.63 6.63 20.12
N ASN B 163 -21.20 7.78 20.62
CA ASN B 163 -19.80 8.05 20.87
CA ASN B 163 -19.80 8.07 20.90
C ASN B 163 -19.13 7.02 21.80
N ALA B 164 -19.81 6.59 22.85
CA ALA B 164 -19.21 5.68 23.83
C ALA B 164 -18.85 4.35 23.20
N LYS B 165 -19.81 3.71 22.53
CA LYS B 165 -19.51 2.44 21.82
C LYS B 165 -18.41 2.61 20.75
N TRP B 166 -18.50 3.70 20.00
CA TRP B 166 -17.58 3.95 18.90
C TRP B 166 -16.16 4.13 19.43
N GLN B 167 -16.02 4.86 20.52
CA GLN B 167 -14.69 5.06 21.12
C GLN B 167 -14.07 3.73 21.53
N LYS B 168 -14.89 2.82 22.07
CA LYS B 168 -14.38 1.50 22.45
C LYS B 168 -13.89 0.74 21.20
N ARG B 169 -14.65 0.81 20.11
CA ARG B 169 -14.22 0.17 18.86
C ARG B 169 -12.91 0.77 18.35
N VAL B 170 -12.79 2.08 18.42
CA VAL B 170 -11.53 2.72 18.06
C VAL B 170 -10.37 2.15 18.89
N GLN B 171 -10.58 1.98 20.19
CA GLN B 171 -9.56 1.46 21.11
CA GLN B 171 -9.52 1.49 21.07
C GLN B 171 -9.15 0.05 20.70
N ASP B 172 -10.14 -0.74 20.33
CA ASP B 172 -9.90 -2.13 19.94
C ASP B 172 -9.04 -2.19 18.66
N VAL B 173 -9.37 -1.34 17.69
CA VAL B 173 -8.65 -1.29 16.42
C VAL B 173 -7.20 -0.85 16.67
N VAL B 174 -7.01 0.14 17.54
CA VAL B 174 -5.65 0.58 17.87
C VAL B 174 -4.86 -0.54 18.52
N GLU B 175 -5.49 -1.32 19.41
CA GLU B 175 -4.79 -2.41 20.05
CA GLU B 175 -4.85 -2.45 20.06
C GLU B 175 -4.43 -3.49 19.01
N ARG B 176 -5.37 -3.82 18.13
CA ARG B 176 -5.10 -4.85 17.14
C ARG B 176 -3.97 -4.45 16.18
N LEU B 177 -4.03 -3.23 15.66
CA LEU B 177 -2.96 -2.75 14.77
C LEU B 177 -1.64 -2.64 15.50
N SER B 178 -1.67 -2.25 16.78
CA SER B 178 -0.42 -2.12 17.53
C SER B 178 0.23 -3.49 17.73
N ALA B 179 -0.57 -4.51 17.97
CA ALA B 179 -0.03 -5.87 18.11
C ALA B 179 0.55 -6.44 16.79
N ALA B 180 -0.04 -6.07 15.65
CA ALA B 180 0.45 -6.47 14.35
C ALA B 180 1.77 -5.77 13.96
N LEU B 181 1.87 -4.46 14.30
CA LEU B 181 2.85 -3.58 13.70
C LEU B 181 3.90 -3.02 14.68
N GLU B 182 3.66 -3.18 15.99
CA GLU B 182 4.58 -2.71 17.05
C GLU B 182 5.13 -1.28 16.88
N PRO B 183 4.24 -0.30 16.74
CA PRO B 183 4.70 1.08 16.69
C PRO B 183 5.19 1.52 18.06
N ASP B 184 6.05 2.56 18.07
CA ASP B 184 6.43 3.24 19.32
C ASP B 184 5.31 4.17 19.79
N GLU B 185 4.62 4.78 18.83
CA GLU B 185 3.44 5.57 19.15
C GLU B 185 2.40 5.47 18.06
N VAL B 186 1.18 5.82 18.43
CA VAL B 186 0.05 5.84 17.52
C VAL B 186 -0.54 7.23 17.56
N VAL B 187 -0.64 7.86 16.38
CA VAL B 187 -1.19 9.21 16.27
C VAL B 187 -2.54 9.07 15.62
N ILE B 188 -3.56 9.64 16.23
CA ILE B 188 -4.92 9.54 15.70
C ILE B 188 -5.33 10.90 15.21
N GLY B 189 -5.75 10.95 13.95
CA GLY B 189 -6.20 12.17 13.31
C GLY B 189 -7.51 11.98 12.60
N GLY B 190 -7.78 12.89 11.65
CA GLY B 190 -9.05 12.92 10.91
C GLY B 190 -10.10 13.81 11.55
N GLY B 191 -11.24 13.93 10.89
CA GLY B 191 -12.30 14.82 11.35
C GLY B 191 -12.92 14.46 12.70
N ASN B 192 -12.78 13.20 13.09
CA ASN B 192 -13.40 12.67 14.32
C ASN B 192 -12.44 12.55 15.50
N VAL B 193 -11.18 12.95 15.34
CA VAL B 193 -10.21 12.89 16.43
C VAL B 193 -10.70 13.59 17.73
N GLU B 194 -11.39 14.73 17.59
CA GLU B 194 -11.88 15.48 18.76
C GLU B 194 -12.98 14.78 19.56
N ARG B 195 -13.51 13.68 19.04
CA ARG B 195 -14.54 12.90 19.70
C ARG B 195 -13.99 11.78 20.59
N LEU B 196 -12.68 11.54 20.54
CA LEU B 196 -12.03 10.55 21.40
C LEU B 196 -11.68 11.21 22.72
N GLU B 197 -11.86 10.49 23.82
CA GLU B 197 -11.69 11.08 25.13
C GLU B 197 -10.39 10.67 25.80
N ASN B 198 -10.26 9.39 26.13
CA ASN B 198 -9.24 8.96 27.09
C ASN B 198 -8.26 8.01 26.47
N LEU B 199 -7.36 8.58 25.67
CA LEU B 199 -6.42 7.81 24.89
C LEU B 199 -5.44 6.99 25.73
N PRO B 200 -5.14 5.77 25.29
CA PRO B 200 -4.20 4.95 26.05
C PRO B 200 -2.77 5.43 25.92
N PRO B 201 -1.89 4.97 26.82
CA PRO B 201 -0.48 5.26 26.69
C PRO B 201 0.01 4.91 25.28
N LYS B 202 0.92 5.73 24.79
CA LYS B 202 1.56 5.61 23.48
C LYS B 202 0.68 6.14 22.34
N CYS B 203 -0.52 6.59 22.66
CA CYS B 203 -1.44 7.13 21.68
CA CYS B 203 -1.45 7.16 21.69
C CYS B 203 -1.51 8.65 21.87
N ARG B 204 -1.42 9.40 20.76
CA ARG B 204 -1.64 10.83 20.87
C ARG B 204 -2.55 11.36 19.79
N ARG B 205 -3.25 12.42 20.16
CA ARG B 205 -4.16 13.15 19.34
C ARG B 205 -3.38 13.95 18.31
N GLY B 206 -3.70 13.72 17.05
CA GLY B 206 -3.12 14.45 15.96
C GLY B 206 -3.83 15.79 15.84
N ASP B 207 -3.18 16.72 15.19
CA ASP B 207 -3.80 17.98 14.80
C ASP B 207 -4.07 17.95 13.29
N ASN B 208 -5.31 18.16 12.83
CA ASN B 208 -5.63 18.17 11.37
C ASN B 208 -4.87 19.18 10.48
N ALA B 209 -4.43 20.30 11.07
CA ALA B 209 -3.45 21.18 10.40
C ALA B 209 -2.21 20.40 9.92
N ALA B 211 -2.10 18.01 8.09
CA ALA B 211 -2.26 17.66 6.69
C ALA B 211 -1.42 18.59 5.84
N PHE B 212 -1.45 19.90 6.14
CA PHE B 212 -0.72 20.88 5.33
C PHE B 212 0.77 20.72 5.54
N GLU B 213 1.15 20.58 6.79
CA GLU B 213 2.55 20.39 7.15
C GLU B 213 3.09 19.17 6.42
N GLY B 214 2.31 18.12 6.29
CA GLY B 214 2.73 16.93 5.58
C GLY B 214 2.98 17.21 4.11
N GLY B 215 2.15 18.09 3.54
CA GLY B 215 2.30 18.48 2.12
C GLY B 215 3.55 19.26 1.93
N PHE B 216 3.83 20.13 2.90
CA PHE B 216 5.04 20.96 2.85
C PHE B 216 6.25 20.05 2.94
N ARG B 217 6.21 19.11 3.88
CA ARG B 217 7.28 18.15 4.06
C ARG B 217 7.56 17.24 2.87
N LEU B 218 6.51 16.89 2.13
CA LEU B 218 6.60 16.02 0.97
C LEU B 218 7.55 16.60 -0.08
N TRP B 219 7.62 17.93 -0.14
CA TRP B 219 8.58 18.64 -0.98
C TRP B 219 9.85 19.10 -0.25
N LYS B 220 9.71 19.58 0.98
CA LYS B 220 10.81 20.31 1.62
C LYS B 220 11.66 19.48 2.57
N ASN B 221 11.15 18.36 3.06
CA ASN B 221 11.86 17.58 4.08
C ASN B 221 12.91 16.69 3.42
N ALA B 222 14.18 16.96 3.74
CA ALA B 222 15.31 16.28 3.10
C ALA B 222 15.51 14.81 3.52
N ASP B 223 14.87 14.39 4.61
CA ASP B 223 15.02 13.02 5.15
C ASP B 223 13.88 12.09 4.78
N LEU B 224 12.75 12.64 4.37
CA LEU B 224 11.57 11.82 4.10
C LEU B 224 11.85 10.87 2.96
N ILE B 225 11.53 9.59 3.16
CA ILE B 225 11.55 8.62 2.08
C ILE B 225 10.09 8.14 1.82
N VAL B 226 9.54 8.47 0.64
CA VAL B 226 8.18 8.07 0.27
C VAL B 226 7.10 9.13 0.54
#